data_8S2M
#
_entry.id   8S2M
#
_cell.length_a   77.995
_cell.length_b   93.855
_cell.length_c   39.903
_cell.angle_alpha   90.00
_cell.angle_beta   90.00
_cell.angle_gamma   90.00
#
_symmetry.space_group_name_H-M   'P 21 21 2'
#
loop_
_entity.id
_entity.type
_entity.pdbx_description
1 polymer 'Immunity Protein TriX'
2 polymer 'Complete genome segment 11/17'
3 water water
#
loop_
_entity_poly.entity_id
_entity_poly.type
_entity_poly.pdbx_seq_one_letter_code
_entity_poly.pdbx_strand_id
1 'polypeptide(L)'
;MTDVDKRKIKIILNGEMEEAELHMITSPNRHCCLKIFHNNNQLAESNDTDYFSCFADLRNQLKNIIFLCKGAKINVYPSA
MSRDMSDGIVAYETTLGQPGLPENQVHIFDFEDKYVDITPEEQRKFHSQWFESLVDHHHHHH
;
A
2 'polypeptide(L)'
;MAGGIGNKGDYIITYRGDTRSFTEIFDKGFETLGPSKDLYKHALDNRAPPSDFVSTTIDPTKTISFATKYGQKSGYMYTM
KTNHGIDVNKALGARSPFAAEAEIAMPGGVRAEDILGARAVNADGEMWDYTILNPKRYGK
;
B
#
# COMPACT_ATOMS: atom_id res chain seq x y z
N ASP A 3 -7.57 3.20 -14.93
CA ASP A 3 -6.65 2.13 -15.26
C ASP A 3 -7.27 0.80 -14.90
N VAL A 4 -7.09 -0.20 -15.77
CA VAL A 4 -7.59 -1.55 -15.53
C VAL A 4 -6.43 -2.52 -15.64
N ASP A 5 -6.22 -3.31 -14.60
CA ASP A 5 -5.22 -4.36 -14.58
C ASP A 5 -5.90 -5.67 -14.26
N LYS A 6 -5.42 -6.76 -14.84
CA LYS A 6 -6.00 -8.08 -14.63
C LYS A 6 -4.92 -9.06 -14.16
N ARG A 7 -5.32 -9.99 -13.29
CA ARG A 7 -4.38 -10.96 -12.75
C ARG A 7 -5.10 -12.28 -12.54
N LYS A 8 -4.60 -13.35 -13.16
CA LYS A 8 -5.10 -14.69 -12.88
C LYS A 8 -4.57 -15.15 -11.53
N ILE A 9 -5.42 -15.82 -10.76
CA ILE A 9 -5.05 -16.34 -9.46
C ILE A 9 -5.58 -17.76 -9.34
N LYS A 10 -5.05 -18.48 -8.36
CA LYS A 10 -5.58 -19.80 -8.02
C LYS A 10 -6.39 -19.69 -6.73
N ILE A 11 -7.51 -20.42 -6.68
CA ILE A 11 -8.38 -20.48 -5.51
C ILE A 11 -8.75 -21.94 -5.27
N ILE A 12 -9.21 -22.21 -4.05
CA ILE A 12 -9.81 -23.50 -3.71
C ILE A 12 -11.27 -23.23 -3.38
N LEU A 13 -12.15 -23.64 -4.28
CA LEU A 13 -13.58 -23.37 -4.17
C LEU A 13 -14.24 -24.66 -3.69
N ASN A 14 -14.79 -24.64 -2.47
CA ASN A 14 -15.41 -25.83 -1.89
C ASN A 14 -14.52 -27.07 -2.07
N GLY A 15 -13.22 -26.89 -1.79
CA GLY A 15 -12.29 -28.00 -1.81
C GLY A 15 -11.62 -28.26 -3.15
N GLU A 16 -12.03 -27.58 -4.22
CA GLU A 16 -11.51 -27.87 -5.55
C GLU A 16 -10.61 -26.73 -6.04
N MET A 17 -9.41 -27.09 -6.49
CA MET A 17 -8.50 -26.13 -7.09
C MET A 17 -9.09 -25.57 -8.38
N GLU A 18 -9.10 -24.24 -8.51
CA GLU A 18 -9.68 -23.55 -9.65
C GLU A 18 -8.83 -22.35 -10.00
N GLU A 19 -8.98 -21.86 -11.23
CA GLU A 19 -8.38 -20.62 -11.66
C GLU A 19 -9.45 -19.54 -11.74
N ALA A 20 -9.12 -18.35 -11.24
CA ALA A 20 -10.02 -17.20 -11.30
C ALA A 20 -9.24 -16.01 -11.82
N GLU A 21 -9.94 -14.92 -12.11
CA GLU A 21 -9.33 -13.72 -12.67
C GLU A 21 -9.78 -12.49 -11.89
N LEU A 22 -8.81 -11.73 -11.40
CA LEU A 22 -9.11 -10.48 -10.70
C LEU A 22 -9.00 -9.33 -11.70
N HIS A 23 -9.91 -8.37 -11.59
CA HIS A 23 -9.81 -7.09 -12.29
C HIS A 23 -9.62 -5.99 -11.24
N MET A 24 -8.62 -5.13 -11.45
CA MET A 24 -8.32 -3.99 -10.60
C MET A 24 -8.61 -2.74 -11.43
N ILE A 25 -9.69 -2.02 -11.10
CA ILE A 25 -10.06 -0.80 -11.81
C ILE A 25 -9.82 0.38 -10.86
N THR A 26 -8.82 1.18 -11.17
CA THR A 26 -8.49 2.35 -10.37
C THR A 26 -9.04 3.58 -11.06
N SER A 27 -9.94 4.27 -10.38
CA SER A 27 -10.65 5.43 -10.90
C SER A 27 -10.25 6.69 -10.13
N PRO A 28 -10.65 7.87 -10.61
CA PRO A 28 -10.31 9.10 -9.91
C PRO A 28 -10.83 9.10 -8.47
N ASN A 29 -10.22 9.97 -7.66
CA ASN A 29 -10.63 10.19 -6.27
C ASN A 29 -10.40 8.96 -5.40
N ARG A 30 -9.29 8.25 -5.65
CA ARG A 30 -8.82 7.15 -4.81
C ARG A 30 -9.75 5.93 -4.82
N HIS A 31 -10.56 5.76 -5.86
CA HIS A 31 -11.54 4.70 -5.92
C HIS A 31 -10.90 3.45 -6.51
N CYS A 32 -10.77 2.40 -5.71
CA CYS A 32 -10.24 1.12 -6.14
C CYS A 32 -11.39 0.12 -6.19
N CYS A 33 -11.57 -0.52 -7.34
CA CYS A 33 -12.60 -1.54 -7.53
C CYS A 33 -11.89 -2.85 -7.85
N LEU A 34 -12.17 -3.87 -7.05
CA LEU A 34 -11.61 -5.20 -7.26
C LEU A 34 -12.76 -6.14 -7.59
N LYS A 35 -12.71 -6.77 -8.76
CA LYS A 35 -13.71 -7.74 -9.18
C LYS A 35 -13.04 -9.10 -9.28
N ILE A 36 -13.80 -10.17 -9.01
CA ILE A 36 -13.29 -11.53 -9.25
C ILE A 36 -14.25 -12.24 -10.20
N PHE A 37 -13.68 -12.80 -11.26
CA PHE A 37 -14.43 -13.57 -12.24
C PHE A 37 -14.02 -15.04 -12.16
N HIS A 38 -15.01 -15.92 -12.31
CA HIS A 38 -14.76 -17.35 -12.35
C HIS A 38 -15.75 -17.94 -13.34
N ASN A 39 -15.25 -18.67 -14.33
CA ASN A 39 -16.10 -19.19 -15.42
C ASN A 39 -16.83 -18.07 -16.15
N ASN A 40 -16.16 -16.94 -16.32
CA ASN A 40 -16.69 -15.76 -17.02
C ASN A 40 -17.85 -15.11 -16.29
N ASN A 41 -18.10 -15.49 -15.05
CA ASN A 41 -19.15 -14.88 -14.24
C ASN A 41 -18.50 -14.10 -13.10
N GLN A 42 -19.02 -12.90 -12.85
CA GLN A 42 -18.51 -12.07 -11.76
C GLN A 42 -19.08 -12.58 -10.44
N LEU A 43 -18.22 -13.16 -9.60
CA LEU A 43 -18.65 -13.70 -8.31
C LEU A 43 -18.79 -12.62 -7.26
N ALA A 44 -17.97 -11.58 -7.29
CA ALA A 44 -18.04 -10.56 -6.27
C ALA A 44 -17.25 -9.35 -6.72
N GLU A 45 -17.53 -8.22 -6.07
CA GLU A 45 -16.81 -6.98 -6.29
C GLU A 45 -16.68 -6.26 -4.95
N SER A 46 -15.59 -5.53 -4.80
CA SER A 46 -15.38 -4.67 -3.64
C SER A 46 -14.90 -3.30 -4.11
N ASN A 47 -15.39 -2.26 -3.46
CA ASN A 47 -15.02 -0.89 -3.74
C ASN A 47 -14.46 -0.28 -2.45
N ASP A 48 -13.24 0.24 -2.53
CA ASP A 48 -12.56 0.77 -1.36
C ASP A 48 -11.51 1.77 -1.86
N THR A 49 -10.58 2.13 -0.99
CA THR A 49 -9.53 3.09 -1.35
C THR A 49 -8.16 2.45 -1.48
N ASP A 50 -8.04 1.13 -1.28
CA ASP A 50 -6.82 0.39 -1.56
C ASP A 50 -7.19 -1.06 -1.79
N TYR A 51 -6.32 -1.79 -2.47
CA TYR A 51 -6.64 -3.14 -2.91
C TYR A 51 -6.48 -4.18 -1.83
N PHE A 52 -5.72 -3.90 -0.77
CA PHE A 52 -5.66 -4.84 0.34
C PHE A 52 -6.99 -4.84 1.10
N SER A 53 -7.54 -3.64 1.35
CA SER A 53 -8.88 -3.54 1.92
C SER A 53 -9.92 -4.14 0.98
N CYS A 54 -9.82 -3.86 -0.32
CA CYS A 54 -10.76 -4.49 -1.27
C CYS A 54 -10.70 -6.01 -1.14
N PHE A 55 -9.49 -6.56 -1.05
CA PHE A 55 -9.33 -8.00 -1.05
C PHE A 55 -9.88 -8.61 0.23
N ALA A 56 -9.69 -7.94 1.37
CA ALA A 56 -10.25 -8.47 2.61
C ALA A 56 -11.77 -8.50 2.55
N ASP A 57 -12.37 -7.48 1.95
CA ASP A 57 -13.82 -7.45 1.79
C ASP A 57 -14.28 -8.57 0.84
N LEU A 58 -13.57 -8.74 -0.27
CA LEU A 58 -13.89 -9.81 -1.22
C LEU A 58 -13.86 -11.17 -0.56
N ARG A 59 -12.83 -11.45 0.24
CA ARG A 59 -12.72 -12.76 0.89
C ARG A 59 -13.83 -12.97 1.90
N ASN A 60 -14.28 -11.90 2.56
CA ASN A 60 -15.41 -12.02 3.48
C ASN A 60 -16.72 -12.27 2.73
N GLN A 61 -16.83 -11.78 1.49
CA GLN A 61 -18.02 -12.05 0.68
C GLN A 61 -18.06 -13.47 0.14
N LEU A 62 -16.91 -14.15 0.13
CA LEU A 62 -16.76 -15.46 -0.51
C LEU A 62 -16.18 -16.44 0.53
N LYS A 63 -16.98 -16.75 1.55
CA LYS A 63 -16.48 -17.53 2.67
C LYS A 63 -16.13 -18.97 2.31
N ASN A 64 -16.64 -19.46 1.18
CA ASN A 64 -16.43 -20.84 0.74
C ASN A 64 -15.18 -21.00 -0.11
N ILE A 65 -14.37 -19.96 -0.23
CA ILE A 65 -13.20 -19.97 -1.11
C ILE A 65 -11.95 -19.68 -0.29
N ILE A 66 -10.92 -20.48 -0.52
CA ILE A 66 -9.57 -20.21 -0.04
C ILE A 66 -8.81 -19.55 -1.18
N PHE A 67 -8.21 -18.39 -0.93
CA PHE A 67 -7.51 -17.63 -1.95
C PHE A 67 -6.02 -17.90 -1.83
N LEU A 68 -5.42 -18.44 -2.91
CA LEU A 68 -4.02 -18.83 -2.87
C LEU A 68 -3.12 -17.66 -3.25
N CYS A 69 -3.17 -16.61 -2.43
CA CYS A 69 -2.52 -15.34 -2.69
C CYS A 69 -1.87 -14.80 -1.43
N LYS A 70 -0.76 -14.09 -1.61
CA LYS A 70 -0.07 -13.51 -0.47
C LYS A 70 -0.98 -12.64 0.38
N GLY A 71 -1.89 -11.89 -0.24
CA GLY A 71 -2.76 -10.99 0.51
C GLY A 71 -3.76 -11.69 1.40
N ALA A 72 -3.91 -13.01 1.24
CA ALA A 72 -4.75 -13.82 2.12
C ALA A 72 -3.97 -14.49 3.23
N LYS A 73 -2.65 -14.38 3.23
CA LYS A 73 -1.82 -15.08 4.21
C LYS A 73 -1.92 -14.46 5.59
N ILE A 74 -1.98 -15.33 6.61
CA ILE A 74 -2.20 -14.87 7.98
C ILE A 74 -1.26 -13.76 8.41
N ASN A 75 0.00 -13.81 7.99
CA ASN A 75 1.01 -12.89 8.51
C ASN A 75 1.29 -11.74 7.55
N VAL A 76 0.49 -11.55 6.51
CA VAL A 76 0.72 -10.47 5.55
C VAL A 76 -0.17 -9.29 5.90
N TYR A 77 0.40 -8.09 5.83
CA TYR A 77 -0.36 -6.87 6.05
C TYR A 77 0.42 -5.72 5.45
N PRO A 78 -0.23 -4.70 4.89
CA PRO A 78 0.53 -3.54 4.40
C PRO A 78 1.04 -2.71 5.56
N SER A 79 2.18 -2.04 5.34
CA SER A 79 2.49 -0.93 6.22
C SER A 79 1.64 0.27 5.82
N ALA A 80 1.64 1.32 6.65
CA ALA A 80 0.96 2.55 6.26
C ALA A 80 1.51 3.06 4.94
N MET A 81 2.84 3.06 4.83
CA MET A 81 3.48 3.54 3.62
C MET A 81 3.17 2.68 2.42
N SER A 82 3.24 1.35 2.57
CA SER A 82 3.00 0.49 1.42
C SER A 82 1.55 0.59 0.99
N ARG A 83 0.62 0.66 1.94
CA ARG A 83 -0.78 0.84 1.58
C ARG A 83 -0.96 2.15 0.80
N ASP A 84 -0.41 3.23 1.34
CA ASP A 84 -0.62 4.57 0.80
C ASP A 84 0.03 4.72 -0.57
N MET A 85 1.29 4.33 -0.69
CA MET A 85 2.07 4.57 -1.91
C MET A 85 1.75 3.57 -3.02
N SER A 86 1.28 2.36 -2.70
CA SER A 86 1.03 1.35 -3.73
C SER A 86 -0.43 0.99 -3.86
N ASP A 87 -1.34 1.78 -3.30
CA ASP A 87 -2.77 1.44 -3.30
C ASP A 87 -3.00 0.04 -2.74
N GLY A 88 -2.23 -0.31 -1.71
CA GLY A 88 -2.41 -1.58 -1.03
C GLY A 88 -1.91 -2.81 -1.76
N ILE A 89 -1.26 -2.64 -2.91
CA ILE A 89 -0.79 -3.79 -3.69
C ILE A 89 0.45 -4.42 -3.08
N VAL A 90 1.33 -3.63 -2.47
CA VAL A 90 2.53 -4.14 -1.81
C VAL A 90 2.26 -4.24 -0.31
N ALA A 91 2.57 -5.38 0.27
CA ALA A 91 2.39 -5.62 1.70
C ALA A 91 3.64 -6.30 2.22
N TYR A 92 3.63 -6.65 3.51
CA TYR A 92 4.78 -7.30 4.13
C TYR A 92 4.37 -8.62 4.76
N GLU A 93 5.26 -9.62 4.65
CA GLU A 93 5.20 -10.81 5.49
C GLU A 93 5.84 -10.45 6.82
N THR A 94 5.08 -10.57 7.91
CA THR A 94 5.55 -10.16 9.23
C THR A 94 5.89 -11.36 10.08
N THR A 95 6.81 -11.13 11.03
CA THR A 95 7.31 -12.16 11.94
C THR A 95 7.32 -11.61 13.37
N LEU A 96 6.87 -12.46 14.31
CA LEU A 96 6.91 -12.21 15.75
C LEU A 96 8.12 -11.38 16.17
N GLY A 97 7.85 -10.22 16.80
CA GLY A 97 8.90 -9.46 17.47
C GLY A 97 9.83 -8.71 16.56
N GLN A 98 9.59 -8.72 15.24
N GLN A 98 9.58 -8.71 15.25
CA GLN A 98 10.53 -8.11 14.30
CA GLN A 98 10.49 -8.13 14.26
C GLN A 98 9.81 -7.09 13.43
C GLN A 98 9.79 -7.07 13.43
N PRO A 99 10.35 -5.89 13.27
CA PRO A 99 9.78 -4.94 12.30
C PRO A 99 9.97 -5.46 10.88
N GLY A 100 9.10 -5.02 9.98
CA GLY A 100 9.15 -5.53 8.61
C GLY A 100 10.27 -4.86 7.83
N LEU A 101 10.95 -5.66 7.01
CA LEU A 101 12.10 -5.25 6.23
C LEU A 101 11.78 -5.27 4.74
N PRO A 102 12.56 -4.56 3.92
CA PRO A 102 12.28 -4.58 2.47
C PRO A 102 12.19 -5.97 1.87
N GLU A 103 13.07 -6.89 2.32
CA GLU A 103 13.06 -8.25 1.79
C GLU A 103 11.79 -9.00 2.15
N ASN A 104 10.99 -8.49 3.07
CA ASN A 104 9.72 -9.12 3.45
C ASN A 104 8.55 -8.64 2.60
N GLN A 105 8.78 -7.68 1.70
CA GLN A 105 7.69 -7.16 0.89
C GLN A 105 7.21 -8.21 -0.11
N VAL A 106 5.90 -8.18 -0.40
CA VAL A 106 5.24 -9.10 -1.32
C VAL A 106 4.18 -8.33 -2.12
N HIS A 107 3.82 -8.88 -3.26
CA HIS A 107 2.66 -8.43 -4.02
C HIS A 107 1.46 -9.25 -3.56
N ILE A 108 0.35 -8.57 -3.23
CA ILE A 108 -0.74 -9.26 -2.57
C ILE A 108 -1.41 -10.30 -3.45
N PHE A 109 -1.23 -10.25 -4.77
CA PHE A 109 -1.85 -11.24 -5.64
C PHE A 109 -0.86 -12.28 -6.17
N ASP A 110 0.38 -12.26 -5.68
CA ASP A 110 1.30 -13.35 -5.99
C ASP A 110 0.85 -14.62 -5.27
N PHE A 111 1.27 -15.76 -5.80
CA PHE A 111 0.81 -17.05 -5.31
C PHE A 111 1.28 -17.32 -3.88
N GLU A 112 0.40 -17.94 -3.11
CA GLU A 112 0.77 -18.47 -1.79
C GLU A 112 -0.20 -19.58 -1.44
N ASP A 113 0.32 -20.72 -0.99
CA ASP A 113 -0.56 -21.80 -0.55
C ASP A 113 -0.35 -22.21 0.90
N LYS A 114 0.46 -21.51 1.66
CA LYS A 114 0.67 -21.79 3.08
C LYS A 114 0.00 -20.71 3.93
N TYR A 115 -0.76 -21.15 4.95
CA TYR A 115 -1.32 -20.24 5.96
C TYR A 115 -2.30 -19.23 5.36
N VAL A 116 -3.04 -19.68 4.34
CA VAL A 116 -4.05 -18.84 3.69
C VAL A 116 -5.47 -19.28 3.96
N ASP A 117 -5.70 -20.46 4.54
N ASP A 117 -5.69 -20.43 4.61
CA ASP A 117 -7.06 -20.88 4.88
CA ASP A 117 -7.04 -20.91 4.90
C ASP A 117 -7.47 -20.27 6.22
C ASP A 117 -7.57 -20.28 6.19
N ILE A 118 -7.63 -18.95 6.19
CA ILE A 118 -7.90 -18.13 7.36
C ILE A 118 -8.79 -16.96 6.91
N THR A 119 -9.59 -16.44 7.84
CA THR A 119 -10.48 -15.34 7.47
C THR A 119 -9.77 -13.99 7.55
N PRO A 120 -10.28 -12.97 6.87
CA PRO A 120 -9.74 -11.62 7.06
C PRO A 120 -9.69 -11.17 8.51
N GLU A 121 -10.65 -11.59 9.34
CA GLU A 121 -10.60 -11.22 10.75
C GLU A 121 -9.42 -11.88 11.46
N GLU A 122 -9.14 -13.14 11.14
CA GLU A 122 -7.99 -13.80 11.75
C GLU A 122 -6.69 -13.12 11.33
N GLN A 123 -6.63 -12.65 10.08
CA GLN A 123 -5.47 -11.90 9.61
C GLN A 123 -5.30 -10.60 10.38
N ARG A 124 -6.40 -9.87 10.60
CA ARG A 124 -6.34 -8.66 11.40
C ARG A 124 -5.89 -8.94 12.82
N LYS A 125 -6.35 -10.07 13.39
CA LYS A 125 -5.97 -10.42 14.76
C LYS A 125 -4.48 -10.74 14.85
N PHE A 126 -3.97 -11.54 13.90
CA PHE A 126 -2.54 -11.81 13.86
C PHE A 126 -1.77 -10.52 13.76
N HIS A 127 -2.23 -9.61 12.91
CA HIS A 127 -1.52 -8.35 12.75
C HIS A 127 -1.51 -7.52 14.04
N SER A 128 -2.63 -7.51 14.77
CA SER A 128 -2.68 -6.78 16.03
C SER A 128 -1.73 -7.40 17.06
N GLN A 129 -1.70 -8.73 17.12
CA GLN A 129 -0.79 -9.39 18.06
C GLN A 129 0.67 -9.15 17.64
N TRP A 130 0.93 -9.11 16.33
CA TRP A 130 2.28 -8.79 15.84
C TRP A 130 2.68 -7.37 16.23
N PHE A 131 1.79 -6.41 16.02
CA PHE A 131 2.13 -5.02 16.37
C PHE A 131 2.44 -4.90 17.84
N GLU A 132 1.70 -5.63 18.69
CA GLU A 132 1.96 -5.59 20.12
C GLU A 132 3.24 -6.33 20.49
N SER A 133 3.70 -7.25 19.65
CA SER A 133 4.91 -8.02 19.93
C SER A 133 6.18 -7.18 19.80
N LEU A 134 6.08 -5.98 19.24
CA LEU A 134 7.24 -5.11 19.10
C LEU A 134 7.49 -4.30 20.37
N ASP B 10 12.06 23.41 10.75
CA ASP B 10 13.07 23.21 9.71
C ASP B 10 12.51 22.39 8.54
N TYR B 11 12.80 22.83 7.32
CA TYR B 11 12.29 22.16 6.14
C TYR B 11 13.17 20.98 5.74
N ILE B 12 12.54 19.92 5.24
CA ILE B 12 13.27 18.75 4.77
C ILE B 12 12.68 18.28 3.45
N ILE B 13 13.54 17.67 2.65
CA ILE B 13 13.14 17.01 1.41
C ILE B 13 12.72 15.58 1.72
N THR B 14 11.53 15.17 1.26
CA THR B 14 11.14 13.77 1.31
C THR B 14 10.57 13.35 -0.03
N TYR B 15 10.30 12.05 -0.15
CA TYR B 15 9.94 11.43 -1.42
C TYR B 15 8.73 10.54 -1.23
N ARG B 16 7.98 10.33 -2.31
CA ARG B 16 6.78 9.51 -2.25
C ARG B 16 6.57 8.82 -3.59
N GLY B 17 6.33 7.51 -3.57
CA GLY B 17 5.90 6.83 -4.76
C GLY B 17 4.39 6.99 -4.91
N ASP B 18 3.94 7.17 -6.15
CA ASP B 18 2.54 7.44 -6.43
C ASP B 18 2.31 7.21 -7.92
N THR B 19 1.22 6.54 -8.24
CA THR B 19 0.90 6.31 -9.65
C THR B 19 0.11 7.44 -10.28
N ARG B 20 -0.35 8.41 -9.49
CA ARG B 20 -1.19 9.46 -10.05
C ARG B 20 -0.37 10.41 -10.91
N SER B 21 -1.03 10.99 -11.91
CA SER B 21 -0.37 11.88 -12.86
C SER B 21 0.14 13.14 -12.20
N PHE B 22 1.27 13.68 -12.71
CA PHE B 22 1.75 14.95 -12.19
C PHE B 22 0.80 16.08 -12.53
N THR B 23 0.02 15.95 -13.61
CA THR B 23 -1.00 16.95 -13.88
C THR B 23 -1.97 17.05 -12.72
N GLU B 24 -2.37 15.90 -12.15
CA GLU B 24 -3.27 15.92 -11.01
C GLU B 24 -2.52 16.37 -9.74
N ILE B 25 -1.31 15.83 -9.52
CA ILE B 25 -0.63 16.07 -8.25
C ILE B 25 -0.12 17.51 -8.16
N PHE B 26 0.45 18.05 -9.24
CA PHE B 26 0.92 19.43 -9.20
C PHE B 26 -0.25 20.41 -9.03
N ASP B 27 -1.47 19.99 -9.39
CA ASP B 27 -2.65 20.82 -9.22
C ASP B 27 -3.18 20.71 -7.79
N LYS B 28 -3.43 19.48 -7.32
CA LYS B 28 -4.19 19.27 -6.09
C LYS B 28 -3.32 18.92 -4.88
N GLY B 29 -2.06 18.57 -5.08
CA GLY B 29 -1.25 18.11 -3.97
C GLY B 29 -1.61 16.70 -3.53
N PHE B 30 -1.11 16.33 -2.35
CA PHE B 30 -1.39 15.02 -1.73
C PHE B 30 -2.38 15.21 -0.59
N GLU B 31 -3.58 14.67 -0.75
CA GLU B 31 -4.63 14.76 0.26
C GLU B 31 -4.74 13.45 1.03
N THR B 32 -5.23 13.53 2.26
CA THR B 32 -5.41 12.36 3.10
C THR B 32 -6.80 11.77 2.92
N LEU B 33 -6.99 10.54 3.41
CA LEU B 33 -8.24 9.81 3.23
C LEU B 33 -9.16 9.86 4.43
N GLY B 34 -8.69 10.35 5.57
CA GLY B 34 -9.54 10.44 6.74
C GLY B 34 -8.98 11.38 7.79
N PRO B 35 -9.75 11.63 8.85
CA PRO B 35 -9.37 12.63 9.85
C PRO B 35 -8.60 12.14 11.07
N SER B 36 -8.29 10.84 11.21
CA SER B 36 -7.66 10.39 12.44
C SER B 36 -6.24 10.94 12.56
N LYS B 37 -5.94 11.54 13.71
CA LYS B 37 -4.62 12.14 13.95
C LYS B 37 -3.73 11.25 14.82
N ASP B 38 -4.17 10.03 15.11
CA ASP B 38 -3.50 9.14 16.04
C ASP B 38 -2.37 8.42 15.30
N LEU B 39 -1.12 8.76 15.64
CA LEU B 39 0.03 8.19 14.93
C LEU B 39 0.19 6.71 15.22
N TYR B 40 -0.10 6.28 16.44
N TYR B 40 -0.12 6.29 16.43
CA TYR B 40 -0.06 4.85 16.74
CA TYR B 40 -0.08 4.87 16.79
C TYR B 40 -1.03 4.08 15.87
C TYR B 40 -1.05 4.07 15.93
N LYS B 41 -2.27 4.58 15.76
CA LYS B 41 -3.25 3.89 14.91
C LYS B 41 -2.85 3.91 13.45
N HIS B 42 -2.23 5.02 13.01
CA HIS B 42 -1.69 5.11 11.65
C HIS B 42 -0.68 3.99 11.39
N ALA B 43 0.23 3.79 12.34
CA ALA B 43 1.28 2.77 12.18
C ALA B 43 0.70 1.36 12.21
N LEU B 44 -0.33 1.13 13.03
CA LEU B 44 -0.95 -0.20 13.10
C LEU B 44 -1.78 -0.51 11.86
N ASP B 45 -2.64 0.43 11.45
CA ASP B 45 -3.52 0.22 10.31
C ASP B 45 -4.10 1.57 9.91
N ASN B 46 -3.54 2.18 8.86
CA ASN B 46 -3.96 3.52 8.47
C ASN B 46 -5.23 3.54 7.65
N ARG B 47 -5.89 2.38 7.48
CA ARG B 47 -7.21 2.32 6.89
C ARG B 47 -8.30 2.17 7.95
N ALA B 48 -7.94 1.79 9.17
CA ALA B 48 -8.91 1.47 10.22
C ALA B 48 -8.47 2.11 11.52
N PRO B 49 -8.79 3.39 11.73
CA PRO B 49 -9.55 4.29 10.86
C PRO B 49 -8.67 4.99 9.83
N PRO B 50 -9.23 5.49 8.73
CA PRO B 50 -8.40 6.21 7.75
C PRO B 50 -7.68 7.39 8.38
N SER B 51 -6.37 7.44 8.19
CA SER B 51 -5.54 8.38 8.95
C SER B 51 -5.31 9.68 8.18
N ASP B 52 -5.09 10.75 8.94
CA ASP B 52 -4.88 12.09 8.39
C ASP B 52 -3.39 12.36 8.16
N PHE B 53 -2.72 11.43 7.48
CA PHE B 53 -1.30 11.58 7.15
C PHE B 53 -1.08 11.10 5.73
N VAL B 54 -0.18 11.78 5.02
CA VAL B 54 0.35 11.29 3.77
C VAL B 54 1.74 10.75 4.06
N SER B 55 2.00 9.51 3.65
N SER B 55 2.00 9.50 3.69
CA SER B 55 3.28 8.87 3.92
CA SER B 55 3.28 8.89 3.96
C SER B 55 4.33 9.36 2.92
C SER B 55 4.32 9.32 2.95
N THR B 56 5.51 9.66 3.44
CA THR B 56 6.68 9.99 2.63
C THR B 56 7.91 9.36 3.28
N THR B 57 9.04 9.34 2.57
CA THR B 57 10.27 8.78 3.10
C THR B 57 11.44 9.71 2.86
N ILE B 58 12.42 9.63 3.77
CA ILE B 58 13.68 10.36 3.60
C ILE B 58 14.52 9.76 2.49
N ASP B 59 14.34 8.48 2.20
CA ASP B 59 15.24 7.72 1.33
C ASP B 59 14.54 7.46 0.01
N PRO B 60 14.98 8.08 -1.09
CA PRO B 60 14.25 7.92 -2.36
C PRO B 60 14.16 6.48 -2.83
N THR B 61 15.15 5.65 -2.52
CA THR B 61 15.10 4.26 -2.96
C THR B 61 13.94 3.50 -2.35
N LYS B 62 13.45 3.92 -1.16
CA LYS B 62 12.37 3.21 -0.51
C LYS B 62 11.03 3.42 -1.20
N THR B 63 10.96 4.33 -2.18
CA THR B 63 9.70 4.52 -2.90
C THR B 63 9.53 3.57 -4.07
N ILE B 64 10.59 2.93 -4.55
CA ILE B 64 10.57 2.30 -5.87
C ILE B 64 9.66 1.08 -5.88
N SER B 65 9.79 0.20 -4.89
N SER B 65 9.79 0.18 -4.90
CA SER B 65 8.97 -1.00 -4.82
CA SER B 65 8.94 -1.00 -4.91
C SER B 65 7.49 -0.66 -4.74
C SER B 65 7.47 -0.62 -4.81
N PHE B 66 7.15 0.47 -4.11
CA PHE B 66 5.75 0.86 -4.00
C PHE B 66 5.26 1.54 -5.28
N ALA B 67 6.06 2.44 -5.85
CA ALA B 67 5.66 3.13 -7.06
C ALA B 67 5.48 2.17 -8.23
N THR B 68 6.19 1.05 -8.23
CA THR B 68 6.12 0.08 -9.33
C THR B 68 5.23 -1.10 -8.99
N LYS B 69 4.52 -1.07 -7.86
CA LYS B 69 3.68 -2.19 -7.45
C LYS B 69 4.43 -3.52 -7.51
N TYR B 70 5.59 -3.53 -6.87
CA TYR B 70 6.42 -4.73 -6.76
C TYR B 70 6.95 -5.16 -8.12
N GLY B 71 7.39 -4.19 -8.92
CA GLY B 71 7.96 -4.50 -10.21
C GLY B 71 6.94 -4.84 -11.27
N GLN B 72 5.66 -4.52 -11.07
CA GLN B 72 4.65 -4.88 -12.05
C GLN B 72 4.34 -3.77 -13.05
N LYS B 73 4.53 -2.51 -12.67
CA LYS B 73 4.10 -1.40 -13.50
C LYS B 73 5.05 -0.23 -13.30
N SER B 74 4.94 0.77 -14.16
CA SER B 74 5.70 1.99 -13.95
C SER B 74 4.93 2.92 -13.02
N GLY B 75 5.64 3.88 -12.43
CA GLY B 75 5.03 4.85 -11.56
C GLY B 75 5.97 6.03 -11.35
N TYR B 76 5.57 6.95 -10.48
CA TYR B 76 6.36 8.14 -10.24
C TYR B 76 6.93 8.16 -8.83
N MET B 77 8.10 8.76 -8.70
CA MET B 77 8.62 9.22 -7.42
C MET B 77 8.53 10.74 -7.37
N TYR B 78 7.73 11.25 -6.46
CA TYR B 78 7.59 12.68 -6.24
C TYR B 78 8.55 13.13 -5.15
N THR B 79 9.03 14.36 -5.27
CA THR B 79 9.87 15.00 -4.27
C THR B 79 9.13 16.21 -3.73
N MET B 80 9.27 16.46 -2.42
CA MET B 80 8.61 17.59 -1.80
C MET B 80 9.50 18.17 -0.71
N LYS B 81 9.19 19.41 -0.32
CA LYS B 81 9.92 20.10 0.73
C LYS B 81 8.90 20.69 1.71
N THR B 82 8.98 20.27 2.97
CA THR B 82 7.95 20.58 3.96
C THR B 82 8.60 20.76 5.32
N ASN B 83 7.86 21.37 6.25
CA ASN B 83 8.34 21.53 7.61
C ASN B 83 7.36 21.02 8.67
N HIS B 84 6.29 20.34 8.27
CA HIS B 84 5.27 19.90 9.22
C HIS B 84 5.25 18.40 9.43
N GLY B 85 6.16 17.65 8.83
CA GLY B 85 6.13 16.20 8.94
C GLY B 85 6.53 15.69 10.32
N ILE B 86 6.09 14.47 10.60
CA ILE B 86 6.37 13.77 11.84
C ILE B 86 7.28 12.60 11.52
N ASP B 87 8.45 12.58 12.17
CA ASP B 87 9.39 11.47 12.03
C ASP B 87 8.85 10.29 12.82
N VAL B 88 8.38 9.26 12.10
CA VAL B 88 7.68 8.15 12.73
C VAL B 88 8.61 7.36 13.65
N ASN B 89 9.83 7.06 13.19
CA ASN B 89 10.75 6.30 14.03
C ASN B 89 11.08 7.04 15.31
N LYS B 90 11.27 8.37 15.23
CA LYS B 90 11.55 9.13 16.45
C LYS B 90 10.36 9.14 17.39
N ALA B 91 9.14 9.24 16.86
CA ALA B 91 7.97 9.35 17.71
C ALA B 91 7.61 8.01 18.34
N LEU B 92 7.78 6.91 17.61
CA LEU B 92 7.36 5.60 18.10
C LEU B 92 8.49 4.79 18.72
N GLY B 93 9.75 5.14 18.43
CA GLY B 93 10.84 4.39 19.02
C GLY B 93 10.96 2.98 18.45
N ALA B 94 11.40 2.06 19.30
CA ALA B 94 11.59 0.66 18.90
C ALA B 94 10.29 0.00 18.46
N ARG B 95 9.15 0.58 18.82
CA ARG B 95 7.84 0.10 18.39
C ARG B 95 7.49 0.39 16.93
N SER B 96 8.28 1.21 16.25
CA SER B 96 8.01 1.53 14.85
C SER B 96 7.97 0.26 14.00
N PRO B 97 6.82 -0.06 13.40
CA PRO B 97 6.67 -1.40 12.81
C PRO B 97 7.45 -1.64 11.54
N PHE B 98 7.76 -0.60 10.77
CA PHE B 98 8.48 -0.70 9.51
C PHE B 98 9.57 0.35 9.46
N ALA B 99 10.42 0.35 10.49
CA ALA B 99 11.39 1.42 10.70
C ALA B 99 12.32 1.60 9.51
N ALA B 100 12.60 0.53 8.77
CA ALA B 100 13.51 0.63 7.63
C ALA B 100 12.98 1.57 6.55
N GLU B 101 11.69 1.87 6.55
CA GLU B 101 11.10 2.74 5.53
C GLU B 101 11.50 4.19 5.69
N ALA B 102 12.03 4.60 6.85
CA ALA B 102 12.43 5.98 7.11
C ALA B 102 11.27 6.96 6.84
N GLU B 103 10.14 6.70 7.47
CA GLU B 103 8.90 7.40 7.18
C GLU B 103 8.81 8.76 7.88
N ILE B 104 8.44 9.78 7.09
CA ILE B 104 8.01 11.08 7.60
C ILE B 104 6.54 11.20 7.22
N ALA B 105 5.67 11.13 8.21
CA ALA B 105 4.24 11.18 7.98
C ALA B 105 3.77 12.63 7.99
N MET B 106 3.04 13.04 6.95
CA MET B 106 2.67 14.43 6.77
C MET B 106 1.25 14.65 7.27
N PRO B 107 1.06 15.29 8.43
CA PRO B 107 -0.30 15.50 8.96
C PRO B 107 -1.06 16.46 8.05
N GLY B 108 -2.27 16.05 7.67
CA GLY B 108 -3.09 16.87 6.80
C GLY B 108 -2.68 16.87 5.34
N GLY B 109 -1.66 16.10 4.97
CA GLY B 109 -1.25 16.04 3.57
C GLY B 109 -0.17 17.04 3.23
N VAL B 110 0.00 17.25 1.92
CA VAL B 110 1.06 18.10 1.39
C VAL B 110 0.46 19.00 0.32
N ARG B 111 0.63 20.31 0.47
CA ARG B 111 0.12 21.25 -0.52
C ARG B 111 0.90 21.12 -1.83
N ALA B 112 0.20 21.41 -2.93
CA ALA B 112 0.79 21.32 -4.26
C ALA B 112 2.03 22.20 -4.39
N GLU B 113 2.01 23.37 -3.74
CA GLU B 113 3.12 24.31 -3.80
C GLU B 113 4.39 23.78 -3.15
N ASP B 114 4.28 22.74 -2.32
CA ASP B 114 5.43 22.13 -1.66
C ASP B 114 6.01 20.96 -2.44
N ILE B 115 5.43 20.61 -3.58
CA ILE B 115 5.89 19.49 -4.39
C ILE B 115 6.87 20.01 -5.43
N LEU B 116 8.08 19.46 -5.42
CA LEU B 116 9.14 19.96 -6.31
C LEU B 116 9.06 19.34 -7.71
N GLY B 117 8.75 18.06 -7.80
CA GLY B 117 8.82 17.41 -9.11
C GLY B 117 8.40 15.96 -9.03
N ALA B 118 8.38 15.35 -10.22
CA ALA B 118 7.96 13.97 -10.44
C ALA B 118 8.98 13.30 -11.33
N ARG B 119 9.47 12.13 -10.93
CA ARG B 119 10.46 11.39 -11.70
C ARG B 119 9.93 9.98 -11.94
N ALA B 120 9.77 9.63 -13.20
CA ALA B 120 9.22 8.33 -13.56
C ALA B 120 10.19 7.20 -13.21
N VAL B 121 9.61 6.03 -12.97
CA VAL B 121 10.36 4.81 -12.71
C VAL B 121 9.66 3.71 -13.46
N ASN B 122 10.41 2.91 -14.21
CA ASN B 122 9.82 1.78 -14.92
C ASN B 122 9.71 0.57 -14.00
N ALA B 123 8.97 -0.44 -14.48
CA ALA B 123 8.66 -1.59 -13.65
C ALA B 123 9.93 -2.31 -13.19
N ASP B 124 11.00 -2.25 -13.97
CA ASP B 124 12.25 -2.89 -13.60
C ASP B 124 13.03 -2.10 -12.55
N GLY B 125 12.49 -0.98 -12.06
CA GLY B 125 13.16 -0.19 -11.05
C GLY B 125 14.08 0.88 -11.59
N GLU B 126 14.18 1.03 -12.91
CA GLU B 126 15.04 2.05 -13.50
C GLU B 126 14.39 3.42 -13.40
N MET B 127 15.04 4.34 -12.71
N MET B 127 15.03 4.34 -12.70
CA MET B 127 14.56 5.71 -12.71
CA MET B 127 14.58 5.72 -12.71
C MET B 127 14.87 6.35 -14.05
C MET B 127 14.86 6.33 -14.07
N TRP B 128 13.91 7.10 -14.58
CA TRP B 128 14.18 7.81 -15.83
C TRP B 128 15.23 8.89 -15.60
N ASP B 129 15.87 9.31 -16.69
CA ASP B 129 16.90 10.34 -16.57
C ASP B 129 16.31 11.68 -16.15
N TYR B 130 15.13 12.03 -16.65
CA TYR B 130 14.59 13.39 -16.53
C TYR B 130 13.56 13.48 -15.42
N THR B 131 13.70 14.50 -14.57
CA THR B 131 12.71 14.82 -13.55
C THR B 131 11.87 16.00 -14.04
N ILE B 132 10.56 15.84 -14.00
CA ILE B 132 9.62 16.88 -14.41
C ILE B 132 9.36 17.78 -13.21
N LEU B 133 9.78 19.05 -13.30
CA LEU B 133 9.66 19.97 -12.18
C LEU B 133 8.30 20.67 -12.17
N ASN B 134 7.81 20.96 -10.96
CA ASN B 134 6.52 21.63 -10.78
C ASN B 134 6.67 23.13 -11.01
N PRO B 135 5.99 23.70 -12.01
CA PRO B 135 6.09 25.16 -12.25
C PRO B 135 5.64 26.02 -11.08
N LYS B 136 4.87 25.47 -10.13
CA LYS B 136 4.44 26.28 -8.99
C LYS B 136 5.61 26.70 -8.11
N ARG B 137 6.76 26.05 -8.23
CA ARG B 137 7.93 26.44 -7.45
C ARG B 137 8.55 27.71 -8.03
#